data_6T54
#
_entry.id   6T54
#
_cell.length_a   70.291
_cell.length_b   71.383
_cell.length_c   72.751
_cell.angle_alpha   90.000
_cell.angle_beta   100.574
_cell.angle_gamma   90.000
#
_symmetry.space_group_name_H-M   'C 1 2 1'
#
loop_
_entity.id
_entity.type
_entity.pdbx_description
1 polymer Prothrombin
2 polymer Prothrombin
3 polymer 'Hirudin variant-2'
4 non-polymer 'SODIUM ION'
5 non-polymer 'DIMETHYL SULFOXIDE'
6 non-polymer GLYCEROL
7 non-polymer 2-acetamido-2-deoxy-beta-D-glucopyranose
8 non-polymer (2~{S})-1-[(2~{R})-2-azanyl-3-phenyl-propanoyl]-~{N}-[(5-bromanylthiophen-2-yl)methyl]pyrrolidine-2-carboxamide
9 water water
#
loop_
_entity_poly.entity_id
_entity_poly.type
_entity_poly.pdbx_seq_one_letter_code
_entity_poly.pdbx_strand_id
1 'polypeptide(L)' TFGSGEADCGLRPLFEKKSLEDKTERELLESYIDGR L
2 'polypeptide(L)'
;IVEGSDAEIGMSPWQVMLFRKSPQELLCGASLISDRWVLTAAHCLLYPPWDKNFTENDLLVRIGKHSRTRYERNIEKISM
LEKIYIHPRYNWRENLDRDIALMKLKKPVAFSDYIHPVCLPDRETAASLLQAGYKGRVTGWGNLKETWTANVGKGQPSVL
QVVNLPIVERPVCKDSTRIRITDNMFCAGYKPDEGKRGDACEGDSGGPFVMKSPFNNRWYQMGIVSWGEGCDRDGKYGFY
THVFRLKKWIQKVIDQFGE
;
H
3 'polypeptide(L)' DFEEIPEE(TYS)LQ I
#
# COMPACT_ATOMS: atom_id res chain seq x y z
C GLU A 6 6.17 17.91 1.72
N ALA A 7 5.05 18.49 1.29
CA ALA A 7 5.05 19.84 0.73
C ALA A 7 4.57 19.78 -0.72
N ASP A 8 5.31 19.05 -1.52
CA ASP A 8 4.90 18.60 -2.83
C ASP A 8 4.19 17.25 -2.80
N CYS A 9 3.93 16.71 -1.61
CA CYS A 9 3.44 15.35 -1.52
C CYS A 9 2.10 15.19 -2.23
N GLY A 10 1.88 13.99 -2.76
CA GLY A 10 0.57 13.65 -3.29
C GLY A 10 0.19 14.28 -4.62
N LEU A 11 1.12 14.97 -5.28
CA LEU A 11 0.89 15.61 -6.57
C LEU A 11 1.79 14.91 -7.58
N ARG A 12 1.18 14.17 -8.50
CA ARG A 12 1.96 13.27 -9.35
C ARG A 12 2.54 14.04 -10.53
N PRO A 13 3.84 13.86 -10.82
CA PRO A 13 4.43 14.56 -11.97
C PRO A 13 3.69 14.36 -13.28
N LEU A 14 3.18 13.18 -13.57
CA LEU A 14 2.55 12.92 -14.86
C LEU A 14 1.04 13.17 -14.86
N PHE A 15 0.47 13.62 -13.73
CA PHE A 15 -0.97 13.88 -13.66
C PHE A 15 -1.24 15.26 -13.06
N GLU A 16 -1.32 15.37 -11.73
CA GLU A 16 -1.68 16.66 -11.14
C GLU A 16 -0.72 17.77 -11.55
N LYS A 17 0.58 17.49 -11.63
CA LYS A 17 1.52 18.56 -11.97
C LYS A 17 1.33 19.08 -13.38
N LYS A 18 0.73 18.30 -14.28
CA LYS A 18 0.46 18.69 -15.66
C LYS A 18 -1.02 18.95 -15.90
N SER A 19 -1.85 18.91 -14.86
CA SER A 19 -3.31 18.99 -14.97
C SER A 19 -3.86 17.95 -15.95
N LEU A 20 -3.35 16.71 -15.86
CA LEU A 20 -3.92 15.56 -16.55
C LEU A 20 -4.56 14.64 -15.53
N GLU A 21 -5.71 14.06 -15.88
CA GLU A 21 -6.42 13.12 -15.03
C GLU A 21 -6.11 11.71 -15.47
N ASP A 22 -6.03 10.78 -14.51
CA ASP A 22 -5.94 9.38 -14.88
C ASP A 22 -7.34 8.84 -15.18
N LYS A 23 -7.40 7.62 -15.70
CA LYS A 23 -8.63 7.14 -16.32
C LYS A 23 -9.74 6.81 -15.32
N THR A 24 -9.42 6.64 -14.03
CA THR A 24 -10.46 6.27 -13.07
C THR A 24 -10.54 7.15 -11.82
N GLU A 25 -9.74 8.22 -11.72
CA GLU A 25 -9.83 9.03 -10.49
C GLU A 25 -11.20 9.68 -10.35
N ARG A 26 -11.90 9.92 -11.45
CA ARG A 26 -13.25 10.47 -11.35
C ARG A 26 -14.17 9.57 -10.54
N GLU A 27 -13.99 8.24 -10.64
CA GLU A 27 -14.79 7.31 -9.86
C GLU A 27 -14.65 7.60 -8.36
N LEU A 28 -13.45 7.94 -7.93
CA LEU A 28 -13.24 8.30 -6.53
C LEU A 28 -13.99 9.59 -6.19
N LEU A 29 -13.81 10.62 -7.01
CA LEU A 29 -14.45 11.91 -6.74
C LEU A 29 -15.97 11.75 -6.65
N GLU A 30 -16.55 10.97 -7.54
CA GLU A 30 -18.00 10.82 -7.55
C GLU A 30 -18.53 10.14 -6.30
N SER A 31 -17.70 9.35 -5.61
CA SER A 31 -18.10 8.69 -4.38
C SER A 31 -18.05 9.60 -3.16
N TYR A 32 -17.44 10.79 -3.28
CA TYR A 32 -17.21 11.66 -2.13
C TYR A 32 -18.41 12.60 -2.05
N ILE A 33 -19.51 12.06 -1.54
CA ILE A 33 -20.81 12.73 -1.57
C ILE A 33 -21.05 13.40 -0.24
N ILE B 1 -3.69 -8.15 -6.82
CA ILE B 1 -4.94 -7.39 -6.98
C ILE B 1 -5.87 -8.21 -7.85
N VAL B 2 -7.09 -8.44 -7.36
CA VAL B 2 -8.11 -9.21 -8.07
C VAL B 2 -9.10 -8.26 -8.73
N GLU B 3 -9.38 -8.50 -10.00
CA GLU B 3 -10.39 -7.73 -10.76
C GLU B 3 -10.02 -6.26 -10.87
N GLY B 4 -8.71 -5.98 -10.93
CA GLY B 4 -8.20 -4.66 -11.19
C GLY B 4 -7.78 -4.51 -12.64
N SER B 5 -7.03 -3.45 -12.90
CA SER B 5 -6.53 -3.18 -14.23
C SER B 5 -5.07 -2.76 -14.17
N ASP B 6 -4.42 -2.79 -15.33
CA ASP B 6 -3.06 -2.28 -15.45
C ASP B 6 -3.00 -0.81 -15.06
N ALA B 7 -2.01 -0.46 -14.24
CA ALA B 7 -1.78 0.94 -13.92
C ALA B 7 -1.32 1.71 -15.14
N GLU B 8 -1.66 2.99 -15.18
CA GLU B 8 -1.04 3.91 -16.11
C GLU B 8 0.38 4.23 -15.66
N ILE B 9 1.22 4.65 -16.61
CA ILE B 9 2.57 5.06 -16.27
C ILE B 9 2.52 6.26 -15.34
N GLY B 10 3.27 6.18 -14.24
CA GLY B 10 3.28 7.28 -13.29
C GLY B 10 2.05 7.45 -12.45
N MET B 11 1.13 6.48 -12.47
CA MET B 11 -0.15 6.61 -11.78
C MET B 11 0.00 6.53 -10.26
N SER B 12 1.01 5.83 -9.79
CA SER B 12 1.22 5.58 -8.36
C SER B 12 2.71 5.70 -8.09
N PRO B 13 3.26 6.91 -8.19
CA PRO B 13 4.72 7.07 -8.14
C PRO B 13 5.29 6.91 -6.75
N TRP B 14 4.43 6.77 -5.74
CA TRP B 14 4.83 6.42 -4.40
C TRP B 14 4.89 4.91 -4.18
N GLN B 15 4.52 4.10 -5.19
CA GLN B 15 4.54 2.65 -5.03
C GLN B 15 5.96 2.15 -4.83
N VAL B 16 6.14 1.26 -3.86
CA VAL B 16 7.44 0.67 -3.57
C VAL B 16 7.27 -0.85 -3.57
N MET B 17 8.27 -1.55 -4.12
CA MET B 17 8.34 -3.01 -4.05
C MET B 17 9.40 -3.40 -3.02
N LEU B 18 8.99 -4.23 -2.05
CA LEU B 18 9.92 -4.83 -1.10
C LEU B 18 10.45 -6.11 -1.72
N PHE B 19 11.77 -6.23 -1.84
CA PHE B 19 12.41 -7.26 -2.64
C PHE B 19 13.44 -8.00 -1.81
N ARG B 20 13.35 -9.33 -1.81
CA ARG B 20 14.31 -10.13 -1.08
C ARG B 20 15.59 -10.29 -1.91
N LYS B 21 16.74 -10.16 -1.24
CA LYS B 21 18.02 -10.23 -1.93
C LYS B 21 18.33 -11.65 -2.40
N SER B 22 18.15 -12.62 -1.52
CA SER B 22 18.51 -13.98 -1.86
C SER B 22 17.55 -14.94 -1.16
N PRO B 23 16.72 -15.69 -1.91
CA PRO B 23 16.55 -15.64 -3.36
C PRO B 23 15.88 -14.33 -3.80
N GLN B 24 16.15 -13.88 -5.01
CA GLN B 24 15.58 -12.62 -5.50
C GLN B 24 14.09 -12.82 -5.79
N GLU B 25 13.22 -12.18 -4.99
CA GLU B 25 11.79 -12.39 -5.10
C GLU B 25 11.05 -11.21 -4.51
N LEU B 26 9.83 -11.00 -4.99
CA LEU B 26 8.95 -10.01 -4.40
C LEU B 26 8.51 -10.48 -3.02
N LEU B 27 8.60 -9.58 -2.04
CA LEU B 27 8.09 -9.86 -0.70
C LEU B 27 6.79 -9.14 -0.39
N CYS B 28 6.64 -7.89 -0.82
CA CYS B 28 5.53 -7.07 -0.34
C CYS B 28 5.49 -5.80 -1.16
N GLY B 29 4.38 -5.08 -1.03
CA GLY B 29 4.31 -3.67 -1.41
C GLY B 29 4.68 -2.77 -0.24
N ALA B 30 4.73 -1.49 -0.55
CA ALA B 30 5.16 -0.44 0.39
C ALA B 30 4.91 0.89 -0.32
N SER B 31 5.15 1.99 0.38
CA SER B 31 4.92 3.32 -0.19
C SER B 31 6.00 4.29 0.26
N LEU B 32 6.27 5.26 -0.62
CA LEU B 32 7.25 6.31 -0.38
C LEU B 32 6.57 7.51 0.27
N ILE B 33 7.03 7.89 1.45
CA ILE B 33 6.43 9.04 2.16
C ILE B 33 7.38 10.22 2.30
N SER B 34 8.65 10.06 1.97
CA SER B 34 9.59 11.19 1.85
C SER B 34 10.77 10.66 1.04
N ASP B 35 11.83 11.47 0.90
CA ASP B 35 12.98 10.96 0.16
C ASP B 35 13.76 9.89 0.92
N ARG B 36 13.46 9.62 2.18
CA ARG B 36 14.25 8.65 2.93
C ARG B 36 13.42 7.65 3.74
N TRP B 37 12.08 7.72 3.68
CA TRP B 37 11.23 6.89 4.50
C TRP B 37 10.21 6.16 3.65
N VAL B 38 10.04 4.86 3.94
CA VAL B 38 9.11 3.97 3.26
C VAL B 38 8.20 3.34 4.30
N LEU B 39 6.91 3.30 4.01
CA LEU B 39 5.88 2.75 4.88
C LEU B 39 5.43 1.39 4.35
N THR B 40 5.25 0.41 5.26
CA THR B 40 4.74 -0.90 4.86
C THR B 40 3.97 -1.53 6.02
N ALA B 41 3.53 -2.77 5.82
CA ALA B 41 2.88 -3.54 6.87
C ALA B 41 3.94 -4.25 7.71
N ALA B 42 3.72 -4.28 9.02
CA ALA B 42 4.64 -5.00 9.90
C ALA B 42 4.74 -6.47 9.52
N HIS B 43 3.64 -7.09 9.08
CA HIS B 43 3.73 -8.52 8.80
C HIS B 43 4.56 -8.83 7.56
N CYS B 44 4.90 -7.82 6.75
CA CYS B 44 5.85 -7.98 5.64
C CYS B 44 7.25 -8.27 6.15
N LEU B 45 7.55 -7.86 7.38
CA LEU B 45 8.86 -7.99 7.98
C LEU B 45 8.92 -8.98 9.12
N LEU B 46 7.83 -9.12 9.89
CA LEU B 46 7.83 -9.91 11.11
C LEU B 46 6.51 -10.65 11.19
N TYR B 47 6.57 -11.98 11.10
CA TYR B 47 5.39 -12.82 11.26
C TYR B 47 5.85 -14.19 11.73
N PRO B 48 6.03 -14.35 13.04
CA PRO B 48 6.64 -15.58 13.58
C PRO B 48 5.87 -16.84 13.24
N PRO B 49 4.54 -16.80 13.08
CA PRO B 49 3.84 -18.04 12.70
C PRO B 49 4.35 -18.65 11.41
N TRP B 50 4.90 -17.84 10.50
CA TRP B 50 5.46 -18.31 9.24
C TRP B 50 6.99 -18.26 9.23
N ASP B 51 7.61 -18.16 10.41
CA ASP B 51 9.06 -18.08 10.54
C ASP B 51 9.64 -16.91 9.74
N LYS B 52 8.92 -15.79 9.74
CA LYS B 52 9.35 -14.60 9.02
C LYS B 52 9.87 -13.56 10.01
N ASN B 53 11.13 -13.18 9.84
CA ASN B 53 11.73 -12.13 10.67
C ASN B 53 12.92 -11.53 9.92
N PHE B 54 12.64 -10.61 9.01
CA PHE B 54 13.69 -10.09 8.16
C PHE B 54 14.49 -9.03 8.89
N THR B 55 15.77 -8.94 8.55
CA THR B 55 16.64 -7.86 8.96
C THR B 55 16.90 -6.95 7.77
N GLU B 56 17.47 -5.78 8.07
CA GLU B 56 17.71 -4.78 7.03
C GLU B 56 18.52 -5.36 5.88
N ASN B 57 19.56 -6.14 6.19
CA ASN B 57 20.44 -6.59 5.13
C ASN B 57 19.81 -7.68 4.28
N ASP B 58 18.64 -8.18 4.68
CA ASP B 58 17.97 -9.18 3.85
C ASP B 58 17.28 -8.57 2.66
N LEU B 59 17.09 -7.25 2.63
CA LEU B 59 16.04 -6.62 1.85
C LEU B 59 16.55 -5.46 1.02
N LEU B 60 15.84 -5.21 -0.08
CA LEU B 60 15.98 -4.00 -0.86
C LEU B 60 14.59 -3.43 -1.11
N VAL B 61 14.53 -2.13 -1.43
CA VAL B 61 13.30 -1.54 -1.93
C VAL B 61 13.54 -1.07 -3.35
N ARG B 62 12.55 -1.28 -4.21
CA ARG B 62 12.62 -0.90 -5.61
C ARG B 62 11.51 0.12 -5.84
N ILE B 63 11.88 1.31 -6.29
CA ILE B 63 11.00 2.48 -6.36
C ILE B 63 10.92 2.92 -7.81
N GLY B 64 9.75 3.40 -8.23
CA GLY B 64 9.57 3.82 -9.60
C GLY B 64 9.18 2.73 -10.56
N LYS B 65 8.76 1.55 -10.07
CA LYS B 65 8.51 0.42 -10.94
C LYS B 65 7.10 0.42 -11.54
N HIS B 66 7.00 -0.31 -12.65
CA HIS B 66 5.75 -0.59 -13.33
C HIS B 66 5.68 -2.09 -13.60
N SER B 67 6.62 -2.59 -14.40
CA SER B 67 6.76 -4.03 -14.59
C SER B 67 7.03 -4.75 -13.26
N ARG B 68 6.39 -5.91 -13.08
CA ARG B 68 6.65 -6.72 -11.88
C ARG B 68 8.06 -7.31 -11.92
N THR B 69 8.42 -7.96 -13.02
CA THR B 69 9.64 -8.79 -13.04
C THR B 69 10.83 -8.14 -13.73
N ARG B 70 10.61 -7.17 -14.63
N ARG B 70 10.62 -7.17 -14.61
CA ARG B 70 11.72 -6.57 -15.36
CA ARG B 70 11.75 -6.62 -15.37
C ARG B 70 12.56 -5.68 -14.45
C ARG B 70 12.53 -5.62 -14.54
N TYR B 71 13.85 -5.60 -14.76
CA TYR B 71 14.71 -4.56 -14.21
C TYR B 71 14.55 -3.34 -15.13
N GLU B 72 13.95 -2.28 -14.59
CA GLU B 72 13.48 -1.16 -15.40
C GLU B 72 14.57 -0.10 -15.43
N ARG B 73 15.58 -0.41 -16.25
CA ARG B 73 16.77 0.42 -16.35
C ARG B 73 16.41 1.86 -16.67
N ASN B 74 17.10 2.80 -15.99
CA ASN B 74 16.94 4.25 -16.14
C ASN B 74 15.62 4.78 -15.58
N ILE B 75 14.82 3.94 -14.94
CA ILE B 75 13.52 4.34 -14.43
C ILE B 75 13.44 4.01 -12.96
N GLU B 76 13.52 2.73 -12.61
CA GLU B 76 13.46 2.36 -11.22
C GLU B 76 14.77 2.67 -10.51
N LYS B 77 14.66 2.84 -9.21
CA LYS B 77 15.80 3.04 -8.34
C LYS B 77 15.71 2.05 -7.20
N ILE B 78 16.85 1.46 -6.87
CA ILE B 78 16.95 0.40 -5.87
C ILE B 78 17.73 0.94 -4.67
N SER B 79 17.15 0.82 -3.48
CA SER B 79 17.71 1.38 -2.26
C SER B 79 17.93 0.30 -1.21
N MET B 80 19.05 0.41 -0.49
CA MET B 80 19.30 -0.41 0.69
C MET B 80 18.65 0.23 1.92
N LEU B 81 18.40 -0.60 2.93
CA LEU B 81 17.74 -0.15 4.15
C LEU B 81 18.77 0.16 5.23
N GLU B 82 18.61 1.33 5.86
CA GLU B 82 19.38 1.65 7.05
C GLU B 82 18.80 0.97 8.28
N LYS B 83 17.49 1.08 8.48
CA LYS B 83 16.89 0.56 9.70
C LYS B 83 15.41 0.31 9.49
N ILE B 84 14.92 -0.75 10.11
CA ILE B 84 13.51 -1.10 10.19
C ILE B 84 12.97 -0.73 11.56
N TYR B 85 11.75 -0.19 11.59
CA TYR B 85 11.03 0.11 12.82
C TYR B 85 9.64 -0.49 12.73
N ILE B 86 9.33 -1.40 13.64
CA ILE B 86 8.02 -2.04 13.72
C ILE B 86 7.26 -1.46 14.91
N HIS B 87 5.97 -1.23 14.74
CA HIS B 87 5.19 -0.71 15.85
C HIS B 87 5.36 -1.61 17.08
N PRO B 88 5.62 -1.03 18.27
CA PRO B 88 5.89 -1.86 19.45
C PRO B 88 4.71 -2.64 19.94
N ARG B 89 3.50 -2.27 19.53
CA ARG B 89 2.29 -2.98 19.91
C ARG B 89 1.64 -3.68 18.71
N TYR B 90 2.40 -3.89 17.64
CA TYR B 90 1.98 -4.78 16.57
C TYR B 90 1.61 -6.15 17.11
N ASN B 91 0.39 -6.59 16.82
CA ASN B 91 -0.16 -7.82 17.39
C ASN B 91 -0.15 -8.92 16.33
N TRP B 92 1.01 -9.55 16.18
CA TRP B 92 1.12 -10.67 15.26
C TRP B 92 0.54 -11.96 15.84
N ARG B 93 0.31 -12.01 17.15
N ARG B 93 0.33 -12.01 17.16
CA ARG B 93 -0.19 -13.22 17.80
CA ARG B 93 -0.19 -13.22 17.78
C ARG B 93 -1.66 -13.46 17.51
C ARG B 93 -1.65 -13.46 17.41
N GLU B 94 -2.43 -12.39 17.32
CA GLU B 94 -3.89 -12.51 17.21
C GLU B 94 -4.43 -12.05 15.86
N ASN B 95 -4.49 -10.72 15.63
CA ASN B 95 -5.30 -10.19 14.56
C ASN B 95 -4.59 -9.13 13.73
N LEU B 96 -3.25 -9.03 13.83
CA LEU B 96 -2.48 -8.03 13.09
C LEU B 96 -2.87 -6.59 13.46
N ASP B 97 -3.35 -6.38 14.69
CA ASP B 97 -3.60 -5.03 15.18
C ASP B 97 -2.31 -4.22 15.09
N ARG B 98 -2.43 -2.97 14.60
CA ARG B 98 -1.31 -2.04 14.43
C ARG B 98 -0.26 -2.61 13.48
N ASP B 99 -0.72 -3.03 12.30
CA ASP B 99 0.12 -3.69 11.29
C ASP B 99 0.82 -2.60 10.47
N ILE B 100 1.91 -2.08 11.03
CA ILE B 100 2.58 -0.93 10.42
C ILE B 100 4.07 -0.99 10.73
N ALA B 101 4.88 -0.61 9.76
CA ALA B 101 6.32 -0.52 9.93
C ALA B 101 6.87 0.58 9.04
N LEU B 102 7.98 1.16 9.48
CA LEU B 102 8.73 2.13 8.70
C LEU B 102 10.11 1.57 8.37
N MET B 103 10.61 1.95 7.19
CA MET B 103 11.94 1.59 6.72
C MET B 103 12.67 2.87 6.33
N LYS B 104 13.80 3.13 6.96
CA LYS B 104 14.62 4.28 6.59
C LYS B 104 15.68 3.83 5.59
N LEU B 105 15.81 4.59 4.49
CA LEU B 105 16.75 4.24 3.44
C LEU B 105 18.15 4.71 3.80
N LYS B 106 19.15 4.00 3.29
CA LYS B 106 20.54 4.36 3.56
C LYS B 106 20.88 5.71 2.96
N LYS B 107 20.36 5.99 1.78
CA LYS B 107 20.56 7.26 1.10
C LYS B 107 19.23 7.75 0.55
N PRO B 108 19.04 9.05 0.45
CA PRO B 108 17.78 9.56 -0.12
C PRO B 108 17.64 9.19 -1.59
N VAL B 109 16.39 8.95 -2.00
CA VAL B 109 16.09 8.64 -3.39
C VAL B 109 15.78 9.92 -4.14
N ALA B 110 16.23 9.98 -5.39
CA ALA B 110 15.95 11.10 -6.27
C ALA B 110 14.54 10.99 -6.81
N PHE B 111 13.75 12.06 -6.66
CA PHE B 111 12.42 12.06 -7.26
C PHE B 111 12.52 12.22 -8.77
N SER B 112 11.48 11.78 -9.46
CA SER B 112 11.39 11.81 -10.92
C SER B 112 9.92 11.78 -11.32
N ASP B 113 9.67 11.65 -12.63
CA ASP B 113 8.31 11.47 -13.11
C ASP B 113 7.67 10.20 -12.55
N TYR B 114 8.49 9.25 -12.11
CA TYR B 114 8.06 7.91 -11.70
C TYR B 114 8.17 7.68 -10.20
N ILE B 115 8.77 8.62 -9.47
CA ILE B 115 9.15 8.47 -8.07
C ILE B 115 8.76 9.76 -7.37
N HIS B 116 7.79 9.67 -6.46
CA HIS B 116 7.25 10.86 -5.81
C HIS B 116 6.48 10.43 -4.57
N PRO B 117 6.58 11.16 -3.45
CA PRO B 117 5.92 10.68 -2.22
C PRO B 117 4.44 11.00 -2.17
N VAL B 118 3.73 10.13 -1.46
CA VAL B 118 2.31 10.34 -1.11
C VAL B 118 2.23 11.14 0.19
N CYS B 119 1.10 11.83 0.40
CA CYS B 119 0.85 12.51 1.66
C CYS B 119 0.28 11.56 2.73
N LEU B 120 0.59 11.87 3.98
CA LEU B 120 -0.11 11.20 5.06
C LEU B 120 -1.20 12.11 5.59
N PRO B 121 -2.34 11.54 5.99
CA PRO B 121 -3.50 12.38 6.31
C PRO B 121 -3.36 13.09 7.64
N ASP B 122 -3.82 14.33 7.66
CA ASP B 122 -4.15 15.05 8.89
C ASP B 122 -5.49 14.55 9.41
N ARG B 123 -5.79 14.94 10.66
CA ARG B 123 -7.04 14.52 11.30
C ARG B 123 -8.26 14.92 10.49
N GLU B 124 -8.27 16.14 9.94
CA GLU B 124 -9.46 16.61 9.24
C GLU B 124 -9.67 15.88 7.93
N THR B 125 -8.59 15.65 7.17
CA THR B 125 -8.72 14.91 5.93
C THR B 125 -9.20 13.48 6.21
N ALA B 126 -8.65 12.84 7.25
CA ALA B 126 -9.12 11.51 7.64
C ALA B 126 -10.59 11.53 8.02
N ALA B 127 -10.99 12.48 8.86
CA ALA B 127 -12.39 12.52 9.28
C ALA B 127 -13.31 12.71 8.09
N SER B 128 -12.91 13.56 7.15
CA SER B 128 -13.78 13.87 6.02
C SER B 128 -13.89 12.70 5.05
N LEU B 129 -12.80 11.97 4.83
CA LEU B 129 -12.79 11.02 3.73
C LEU B 129 -12.99 9.57 4.18
N LEU B 130 -12.73 9.23 5.43
CA LEU B 130 -12.88 7.84 5.87
C LEU B 130 -14.34 7.58 6.26
N GLN B 131 -15.19 7.53 5.24
CA GLN B 131 -16.63 7.38 5.39
C GLN B 131 -17.09 6.22 4.53
N ALA B 132 -18.06 5.46 5.03
CA ALA B 132 -18.61 4.34 4.28
C ALA B 132 -19.12 4.81 2.92
N GLY B 133 -18.78 4.05 1.88
CA GLY B 133 -19.15 4.40 0.53
C GLY B 133 -18.10 5.18 -0.23
N TYR B 134 -17.27 5.95 0.47
CA TYR B 134 -16.22 6.67 -0.21
C TYR B 134 -15.16 5.68 -0.69
N LYS B 135 -14.66 5.90 -1.90
CA LYS B 135 -13.74 4.97 -2.53
C LYS B 135 -12.30 5.41 -2.39
N GLY B 136 -11.43 4.43 -2.16
CA GLY B 136 -10.01 4.62 -2.31
C GLY B 136 -9.46 3.68 -3.36
N ARG B 137 -8.15 3.68 -3.48
CA ARG B 137 -7.46 2.97 -4.55
C ARG B 137 -6.34 2.15 -3.95
N VAL B 138 -6.26 0.89 -4.35
CA VAL B 138 -5.28 -0.08 -3.89
C VAL B 138 -4.46 -0.52 -5.08
N THR B 139 -3.15 -0.61 -4.88
CA THR B 139 -2.23 -0.97 -5.95
C THR B 139 -1.25 -2.03 -5.49
N GLY B 140 -0.85 -2.90 -6.41
CA GLY B 140 0.14 -3.91 -6.05
C GLY B 140 0.44 -4.87 -7.18
N TRP B 141 1.46 -5.68 -6.95
CA TRP B 141 1.90 -6.71 -7.88
C TRP B 141 1.55 -8.12 -7.40
N GLY B 142 0.62 -8.24 -6.48
CA GLY B 142 0.23 -9.50 -5.90
C GLY B 142 -0.65 -10.32 -6.81
N ASN B 143 -1.11 -11.44 -6.27
CA ASN B 143 -1.86 -12.41 -7.06
C ASN B 143 -3.12 -11.82 -7.66
N LEU B 144 -3.41 -12.26 -8.88
CA LEU B 144 -4.61 -11.85 -9.61
C LEU B 144 -5.84 -12.62 -9.18
N LYS B 145 -5.67 -13.72 -8.46
CA LYS B 145 -6.80 -14.47 -7.93
C LYS B 145 -6.34 -15.30 -6.74
N GLU B 146 -7.30 -15.69 -5.91
CA GLU B 146 -6.93 -16.37 -4.67
C GLU B 146 -6.23 -17.69 -4.95
N THR B 147 -6.71 -18.44 -5.94
CA THR B 147 -6.20 -19.77 -6.22
C THR B 147 -6.02 -19.96 -7.71
N GLY B 155 -2.51 -15.92 -12.25
CA GLY B 155 -1.28 -16.04 -11.48
C GLY B 155 -0.80 -14.69 -10.98
N GLN B 156 0.33 -14.24 -11.54
CA GLN B 156 0.90 -12.96 -11.20
C GLN B 156 0.81 -12.01 -12.38
N PRO B 157 0.75 -10.72 -12.12
CA PRO B 157 0.59 -9.74 -13.20
C PRO B 157 1.91 -9.38 -13.86
N SER B 158 1.79 -8.93 -15.12
CA SER B 158 2.95 -8.40 -15.83
C SER B 158 3.35 -7.02 -15.31
N VAL B 159 2.37 -6.18 -14.99
CA VAL B 159 2.64 -4.83 -14.51
C VAL B 159 1.77 -4.53 -13.29
N LEU B 160 2.09 -3.42 -12.63
CA LEU B 160 1.35 -2.97 -11.46
C LEU B 160 -0.15 -2.94 -11.74
N GLN B 161 -0.93 -3.44 -10.79
CA GLN B 161 -2.39 -3.47 -10.86
C GLN B 161 -3.02 -2.44 -9.94
N VAL B 162 -4.21 -1.96 -10.31
N VAL B 162 -4.20 -1.95 -10.35
CA VAL B 162 -4.93 -0.91 -9.61
CA VAL B 162 -4.97 -0.93 -9.66
C VAL B 162 -6.40 -1.31 -9.50
C VAL B 162 -6.39 -1.44 -9.46
N VAL B 163 -7.01 -1.09 -8.34
CA VAL B 163 -8.46 -1.27 -8.18
C VAL B 163 -8.97 -0.20 -7.23
N ASN B 164 -10.15 0.35 -7.54
CA ASN B 164 -10.82 1.32 -6.69
C ASN B 164 -11.91 0.59 -5.91
N LEU B 165 -11.95 0.80 -4.59
CA LEU B 165 -12.85 0.07 -3.71
C LEU B 165 -13.49 1.00 -2.67
N PRO B 166 -14.78 0.78 -2.37
CA PRO B 166 -15.44 1.60 -1.36
C PRO B 166 -15.16 1.13 0.07
N ILE B 167 -14.97 2.10 0.95
CA ILE B 167 -14.91 1.84 2.39
C ILE B 167 -16.25 1.28 2.85
N VAL B 168 -16.21 0.31 3.74
CA VAL B 168 -17.40 -0.38 4.21
C VAL B 168 -17.74 0.01 5.65
N GLU B 169 -19.03 0.08 5.94
CA GLU B 169 -19.52 0.35 7.28
C GLU B 169 -18.93 -0.61 8.31
N ARG B 170 -18.52 -0.07 9.47
CA ARG B 170 -17.81 -0.92 10.42
C ARG B 170 -18.63 -2.10 10.91
N PRO B 171 -19.94 -2.01 11.13
CA PRO B 171 -20.69 -3.22 11.50
C PRO B 171 -20.66 -4.31 10.43
N VAL B 172 -20.68 -3.93 9.15
CA VAL B 172 -20.58 -4.92 8.08
C VAL B 172 -19.21 -5.56 8.10
N CYS B 173 -18.16 -4.76 8.30
CA CYS B 173 -16.82 -5.33 8.42
C CYS B 173 -16.78 -6.36 9.54
N LYS B 174 -17.28 -5.99 10.72
CA LYS B 174 -17.24 -6.87 11.90
C LYS B 174 -18.03 -8.14 11.66
N ASP B 175 -19.20 -8.03 11.04
CA ASP B 175 -20.09 -9.17 10.82
C ASP B 175 -19.64 -10.09 9.71
N SER B 176 -18.59 -9.72 8.97
CA SER B 176 -18.09 -10.54 7.87
C SER B 176 -17.03 -11.55 8.31
N THR B 177 -16.62 -11.53 9.57
CA THR B 177 -15.45 -12.30 9.98
C THR B 177 -15.59 -12.68 11.44
N ARG B 178 -14.88 -13.72 11.83
CA ARG B 178 -14.74 -14.10 13.22
C ARG B 178 -13.52 -13.45 13.88
N ILE B 179 -12.61 -12.89 13.07
CA ILE B 179 -11.45 -12.20 13.61
C ILE B 179 -11.90 -10.93 14.32
N ARG B 180 -11.25 -10.62 15.45
CA ARG B 180 -11.57 -9.41 16.21
C ARG B 180 -11.02 -8.18 15.49
N ILE B 181 -11.92 -7.29 15.10
N ILE B 181 -11.88 -7.24 15.12
CA ILE B 181 -11.52 -6.03 14.46
CA ILE B 181 -11.43 -6.05 14.40
C ILE B 181 -11.17 -5.02 15.55
C ILE B 181 -11.36 -4.88 15.37
N THR B 182 -10.36 -4.04 15.19
CA THR B 182 -10.04 -2.95 16.10
C THR B 182 -10.19 -1.62 15.38
N ASP B 183 -10.14 -0.55 16.17
CA ASP B 183 -10.19 0.80 15.64
C ASP B 183 -8.96 1.14 14.81
N ASN B 184 -7.91 0.32 14.85
CA ASN B 184 -6.73 0.53 14.00
C ASN B 184 -6.84 -0.14 12.64
N MET B 185 -8.04 -0.57 12.27
CA MET B 185 -8.33 -1.21 11.01
C MET B 185 -9.58 -0.59 10.39
N PHE B 186 -9.65 -0.66 9.07
CA PHE B 186 -10.93 -0.45 8.37
C PHE B 186 -10.98 -1.46 7.24
N CYS B 187 -12.16 -1.70 6.71
CA CYS B 187 -12.27 -2.64 5.60
C CYS B 187 -12.91 -1.98 4.39
N ALA B 188 -12.65 -2.58 3.22
CA ALA B 188 -13.11 -2.02 1.97
C ALA B 188 -13.42 -3.15 0.99
N GLY B 189 -14.30 -2.84 0.05
CA GLY B 189 -14.73 -3.81 -0.96
C GLY B 189 -16.20 -3.65 -1.27
N TYR B 190 -16.62 -4.25 -2.37
CA TYR B 190 -18.03 -4.26 -2.74
C TYR B 190 -18.80 -5.36 -2.00
N LYS B 191 -20.07 -5.10 -1.77
CA LYS B 191 -20.98 -6.11 -1.22
C LYS B 191 -21.46 -7.05 -2.33
N PRO B 192 -21.89 -8.27 -1.98
CA PRO B 192 -22.33 -9.21 -3.03
C PRO B 192 -23.40 -8.65 -3.95
N ASP B 193 -24.29 -7.81 -3.43
CA ASP B 193 -25.37 -7.28 -4.25
C ASP B 193 -24.89 -6.19 -5.21
N GLU B 194 -23.79 -5.51 -4.88
CA GLU B 194 -23.34 -4.36 -5.66
C GLU B 194 -22.86 -4.73 -7.06
N GLY B 195 -22.67 -6.01 -7.37
CA GLY B 195 -22.23 -6.39 -8.70
C GLY B 195 -20.72 -6.31 -8.91
N LYS B 196 -20.17 -5.10 -8.86
CA LYS B 196 -18.74 -4.90 -9.05
C LYS B 196 -17.94 -5.70 -8.02
N ARG B 197 -16.69 -6.00 -8.38
CA ARG B 197 -15.82 -6.85 -7.57
C ARG B 197 -14.47 -6.17 -7.40
N GLY B 198 -13.58 -6.85 -6.71
CA GLY B 198 -12.20 -6.41 -6.56
C GLY B 198 -11.70 -6.53 -5.14
N ASP B 199 -10.40 -6.77 -4.99
CA ASP B 199 -9.79 -6.96 -3.68
C ASP B 199 -8.29 -6.93 -3.86
N ALA B 200 -7.58 -6.76 -2.75
CA ALA B 200 -6.17 -7.09 -2.69
C ALA B 200 -6.02 -8.61 -2.56
N CYS B 201 -4.78 -9.09 -2.58
CA CYS B 201 -4.52 -10.52 -2.43
C CYS B 201 -3.09 -10.69 -1.91
N GLU B 202 -2.70 -11.95 -1.68
CA GLU B 202 -1.33 -12.22 -1.27
C GLU B 202 -0.34 -11.59 -2.24
N GLY B 203 0.70 -10.96 -1.69
CA GLY B 203 1.66 -10.19 -2.44
C GLY B 203 1.40 -8.70 -2.48
N ASP B 204 0.17 -8.28 -2.21
CA ASP B 204 -0.19 -6.87 -2.14
C ASP B 204 0.02 -6.28 -0.76
N SER B 205 0.23 -7.14 0.25
CA SER B 205 0.56 -6.75 1.61
C SER B 205 1.48 -5.56 1.65
N GLY B 206 1.17 -4.60 2.51
CA GLY B 206 2.05 -3.48 2.75
C GLY B 206 1.90 -2.33 1.79
N GLY B 207 1.19 -2.52 0.67
CA GLY B 207 0.96 -1.47 -0.28
C GLY B 207 -0.11 -0.52 0.18
N PRO B 208 -0.29 0.55 -0.57
CA PRO B 208 -1.12 1.66 -0.06
C PRO B 208 -2.57 1.60 -0.54
N PHE B 209 -3.46 2.06 0.35
CA PHE B 209 -4.84 2.43 0.04
C PHE B 209 -4.88 3.94 0.07
N VAL B 210 -5.07 4.56 -1.10
CA VAL B 210 -5.00 6.01 -1.23
C VAL B 210 -6.34 6.60 -1.62
N MET B 211 -6.51 7.88 -1.28
CA MET B 211 -7.69 8.66 -1.64
C MET B 211 -7.22 10.02 -2.13
N LYS B 212 -7.91 10.58 -3.11
CA LYS B 212 -7.55 11.89 -3.66
C LYS B 212 -8.44 12.93 -2.99
N SER B 213 -7.84 13.82 -2.21
CA SER B 213 -8.66 14.80 -1.51
C SER B 213 -9.36 15.70 -2.52
N PRO B 214 -10.68 15.88 -2.42
CA PRO B 214 -11.38 16.85 -3.28
C PRO B 214 -11.20 18.29 -2.82
N PHE B 215 -10.58 18.49 -1.66
CA PHE B 215 -10.34 19.82 -1.14
C PHE B 215 -9.06 20.43 -1.70
N ASN B 216 -7.97 19.65 -1.82
CA ASN B 216 -6.71 20.21 -2.28
C ASN B 216 -6.08 19.40 -3.41
N ASN B 217 -6.80 18.39 -3.91
CA ASN B 217 -6.42 17.59 -5.09
C ASN B 217 -5.09 16.87 -4.91
N ARG B 218 -4.75 16.51 -3.67
CA ARG B 218 -3.58 15.70 -3.34
C ARG B 218 -4.00 14.30 -2.93
N TRP B 219 -3.13 13.34 -3.24
CA TRP B 219 -3.33 11.96 -2.82
C TRP B 219 -2.78 11.73 -1.42
N TYR B 220 -3.60 11.10 -0.58
CA TYR B 220 -3.31 10.74 0.79
C TYR B 220 -3.38 9.24 0.97
N GLN B 221 -2.47 8.72 1.78
CA GLN B 221 -2.47 7.29 2.09
C GLN B 221 -3.25 7.08 3.39
N MET B 222 -4.45 6.53 3.25
CA MET B 222 -5.33 6.27 4.37
C MET B 222 -5.09 4.90 4.97
N GLY B 223 -4.62 3.93 4.18
CA GLY B 223 -4.54 2.57 4.67
C GLY B 223 -3.32 1.85 4.13
N ILE B 224 -3.04 0.71 4.75
CA ILE B 224 -1.99 -0.21 4.33
C ILE B 224 -2.65 -1.57 4.16
N VAL B 225 -2.37 -2.25 3.04
CA VAL B 225 -2.94 -3.58 2.83
C VAL B 225 -2.47 -4.48 3.97
N SER B 226 -3.41 -5.02 4.73
CA SER B 226 -3.07 -5.80 5.92
C SER B 226 -3.51 -7.25 5.83
N TRP B 227 -4.80 -7.54 5.73
CA TRP B 227 -5.24 -8.94 5.78
C TRP B 227 -6.59 -9.13 5.12
N GLY B 228 -6.87 -10.39 4.81
CA GLY B 228 -8.13 -10.81 4.26
C GLY B 228 -8.23 -12.31 4.34
N GLU B 229 -9.45 -12.79 4.31
CA GLU B 229 -9.71 -14.23 4.36
C GLU B 229 -10.08 -14.65 2.94
N GLY B 230 -9.09 -15.18 2.22
CA GLY B 230 -9.20 -15.38 0.79
C GLY B 230 -8.99 -14.06 0.07
N CYS B 231 -9.35 -14.03 -1.20
CA CYS B 231 -9.29 -12.82 -2.02
C CYS B 231 -10.55 -12.73 -2.86
N ASP B 232 -11.22 -11.57 -2.78
CA ASP B 232 -12.40 -11.25 -3.60
C ASP B 232 -13.53 -12.27 -3.40
N ARG B 233 -13.68 -12.78 -2.19
CA ARG B 233 -14.81 -13.65 -1.90
C ARG B 233 -16.06 -12.82 -1.61
N ASP B 234 -17.20 -13.31 -2.08
CA ASP B 234 -18.47 -12.68 -1.75
C ASP B 234 -18.67 -12.65 -0.23
N GLY B 235 -19.04 -11.49 0.29
CA GLY B 235 -19.32 -11.34 1.71
C GLY B 235 -18.10 -11.17 2.58
N LYS B 236 -16.89 -11.21 2.01
CA LYS B 236 -15.65 -10.88 2.69
C LYS B 236 -15.14 -9.54 2.18
N TYR B 237 -14.26 -8.92 2.98
CA TYR B 237 -13.70 -7.61 2.70
C TYR B 237 -12.23 -7.60 3.06
N GLY B 238 -11.47 -6.79 2.35
CA GLY B 238 -10.07 -6.60 2.70
C GLY B 238 -9.95 -5.62 3.85
N PHE B 239 -8.96 -5.87 4.70
CA PHE B 239 -8.71 -5.06 5.88
C PHE B 239 -7.39 -4.34 5.75
N TYR B 240 -7.40 -3.09 6.19
CA TYR B 240 -6.35 -2.13 5.99
C TYR B 240 -5.98 -1.49 7.32
N THR B 241 -4.68 -1.32 7.54
CA THR B 241 -4.21 -0.54 8.69
C THR B 241 -4.65 0.90 8.54
N HIS B 242 -5.22 1.44 9.62
CA HIS B 242 -5.74 2.81 9.69
C HIS B 242 -4.57 3.75 9.97
N VAL B 243 -4.04 4.34 8.89
CA VAL B 243 -2.78 5.07 8.99
C VAL B 243 -2.90 6.25 9.94
N PHE B 244 -3.98 7.02 9.82
CA PHE B 244 -4.09 8.19 10.68
C PHE B 244 -4.09 7.81 12.17
N ARG B 245 -4.74 6.70 12.53
CA ARG B 245 -4.78 6.27 13.92
C ARG B 245 -3.39 6.03 14.49
N LEU B 246 -2.41 5.73 13.63
CA LEU B 246 -1.07 5.38 14.07
C LEU B 246 -0.09 6.50 13.75
N LYS B 247 -0.59 7.68 13.40
CA LYS B 247 0.33 8.69 12.92
C LYS B 247 1.19 9.26 14.05
N LYS B 248 0.73 9.21 15.31
CA LYS B 248 1.59 9.66 16.41
C LYS B 248 2.84 8.80 16.51
N TRP B 249 2.71 7.48 16.30
CA TRP B 249 3.88 6.63 16.27
C TRP B 249 4.78 6.94 15.08
N ILE B 250 4.18 7.16 13.91
CA ILE B 250 4.95 7.51 12.71
C ILE B 250 5.79 8.75 12.98
N GLN B 251 5.15 9.79 13.53
CA GLN B 251 5.84 11.05 13.77
C GLN B 251 6.93 10.90 14.82
N LYS B 252 6.71 10.06 15.82
CA LYS B 252 7.73 9.85 16.85
C LYS B 252 8.97 9.18 16.26
N VAL B 253 8.77 8.17 15.40
CA VAL B 253 9.91 7.50 14.78
C VAL B 253 10.68 8.45 13.91
N ILE B 254 9.99 9.17 13.04
CA ILE B 254 10.68 10.03 12.09
C ILE B 254 11.37 11.18 12.82
N ASP B 255 10.72 11.72 13.85
CA ASP B 255 11.33 12.84 14.58
C ASP B 255 12.54 12.40 15.38
N GLN B 256 12.57 11.16 15.87
CA GLN B 256 13.72 10.73 16.67
C GLN B 256 14.82 10.12 15.83
N PHE B 257 14.48 9.52 14.70
CA PHE B 257 15.46 8.86 13.84
C PHE B 257 15.59 9.61 12.53
N ASP C 1 12.04 -16.07 -11.80
CA ASP C 1 11.00 -15.41 -12.58
C ASP C 1 11.34 -13.93 -12.79
N PHE C 2 12.22 -13.40 -11.95
CA PHE C 2 12.60 -12.00 -11.98
C PHE C 2 13.89 -11.82 -12.77
N GLU C 3 13.93 -10.75 -13.56
CA GLU C 3 15.18 -10.36 -14.20
C GLU C 3 16.22 -10.03 -13.13
N GLU C 4 17.45 -10.50 -13.33
CA GLU C 4 18.51 -10.22 -12.37
C GLU C 4 18.73 -8.73 -12.25
N ILE C 5 18.89 -8.26 -11.01
CA ILE C 5 19.16 -6.83 -10.80
C ILE C 5 20.66 -6.62 -10.80
N PRO C 6 21.14 -5.40 -11.07
CA PRO C 6 22.60 -5.16 -11.10
C PRO C 6 23.27 -5.61 -9.81
N GLU C 7 24.45 -6.24 -9.96
CA GLU C 7 25.16 -6.79 -8.81
C GLU C 7 25.49 -5.71 -7.77
N GLU C 8 25.62 -4.47 -8.20
CA GLU C 8 26.01 -3.39 -7.30
C GLU C 8 25.03 -3.20 -6.12
N LEU C 10 23.59 -5.75 -4.68
CA LEU C 10 23.66 -6.97 -3.88
C LEU C 10 25.04 -7.16 -3.26
#